data_1US2
#
_entry.id   1US2
#
_cell.length_a   44.597
_cell.length_b   82.686
_cell.length_c   170.727
_cell.angle_alpha   90.00
_cell.angle_beta   90.00
_cell.angle_gamma   90.00
#
_symmetry.space_group_name_H-M   'P 21 21 21'
#
loop_
_entity.id
_entity.type
_entity.pdbx_description
1 polymer ENDO-BETA-1,4-XYLANASE
2 branched beta-D-xylopyranose-(1-4)-beta-D-xylopyranose-(1-4)-beta-D-xylopyranose-(1-4)-beta-D-xylopyranose
3 water water
#
_entity_poly.entity_id   1
_entity_poly.type   'polypeptide(L)'
_entity_poly.pdbx_seq_one_letter_code
;MVAASEGNVVIEVDMANGWRGNASGSTSHSGITYSADGVTFAALGDGVGAVFDIARPTTLEDAVIAMVVNVSAEFKASEA
NLQIFAQLKEDWSKGEWDCLAASSELTADTDLTLTCTIDEDDDKFNQTARDVQVGIQAKGTPAGTITIKSVTITLAQEAY
SANVDHLRDLAPSDFPIGVAVSNTDSATYNLLTNSREQAVVKKHFNHLTAGNIMKMSYMQPTEGNFNFTNADAFVDWATE
NNMTVHGHALVWHSDYQVPNFMKNWAGSAEDFLAALDTHITTIVDHYEAKGNLVSWDVVNAAIDDNSPANFRTTDSAFYV
KSGNSSVYIERAFQTARAADPAVILYYNDYNIEQNNAKTTKMVDMVKDFQARSIPIDGVGFQMHVCMNYPSIANISAAMK
KVVDLGLLVKITELDVAVNQPHCDAYPANKINPLTEAAQLAQKKRYCDVVKAYLDTVPVNQRGGISVWGTTDANTWLDGL
YREQFEDEKISWPLLFDNNYNDKPALRGFADALIGTQCTNTHELHHHHHH
;
_entity_poly.pdbx_strand_id   A
#
# COMPACT_ATOMS: atom_id res chain seq x y z
N ILE A 11 9.50 17.41 -8.96
CA ILE A 11 10.78 18.18 -9.05
C ILE A 11 10.59 19.54 -8.38
N GLU A 12 11.34 19.79 -7.31
CA GLU A 12 11.38 21.13 -6.71
C GLU A 12 12.61 21.82 -7.30
N VAL A 13 12.39 22.91 -8.04
CA VAL A 13 13.48 23.61 -8.74
C VAL A 13 14.31 24.47 -7.79
N ASP A 14 15.63 24.27 -7.81
CA ASP A 14 16.57 25.09 -7.06
C ASP A 14 16.40 26.58 -7.44
N MET A 15 16.24 27.43 -6.43
CA MET A 15 16.02 28.87 -6.62
C MET A 15 17.28 29.70 -6.31
N ALA A 16 18.38 29.01 -6.03
CA ALA A 16 19.63 29.65 -5.63
C ALA A 16 20.81 29.36 -6.57
N ASN A 17 20.59 28.50 -7.56
CA ASN A 17 21.61 28.12 -8.56
C ASN A 17 20.94 27.82 -9.91
N GLY A 18 21.73 27.86 -10.98
CA GLY A 18 21.29 27.38 -12.29
C GLY A 18 20.36 28.27 -13.11
N TRP A 19 20.11 29.49 -12.65
CA TRP A 19 19.23 30.42 -13.36
C TRP A 19 20.03 31.41 -14.24
N ARG A 20 19.41 31.80 -15.36
CA ARG A 20 20.06 32.59 -16.42
C ARG A 20 19.06 33.61 -16.96
N GLY A 21 19.53 34.79 -17.36
CA GLY A 21 18.74 35.71 -18.15
C GLY A 21 18.54 35.16 -19.56
N ASN A 22 17.46 35.56 -20.22
CA ASN A 22 17.19 35.14 -21.59
C ASN A 22 16.45 36.20 -22.41
N ALA A 23 16.91 36.37 -23.66
CA ALA A 23 16.22 37.18 -24.66
C ALA A 23 15.81 36.27 -25.82
N SER A 24 14.51 36.04 -25.98
CA SER A 24 14.02 35.24 -27.11
C SER A 24 13.64 36.12 -28.30
N GLY A 25 13.80 37.44 -28.14
CA GLY A 25 13.54 38.40 -29.20
C GLY A 25 14.72 39.31 -29.49
N SER A 26 14.44 40.49 -30.04
CA SER A 26 15.51 41.43 -30.41
C SER A 26 16.09 42.22 -29.23
N THR A 27 15.22 42.61 -28.28
CA THR A 27 15.66 43.34 -27.08
C THR A 27 16.57 42.44 -26.24
N SER A 28 17.74 42.96 -25.84
CA SER A 28 18.65 42.27 -24.90
C SER A 28 18.08 42.14 -23.47
N HIS A 29 18.46 41.07 -22.75
CA HIS A 29 18.12 40.91 -21.34
C HIS A 29 19.25 41.48 -20.47
N SER A 30 18.98 41.65 -19.17
CA SER A 30 19.99 42.09 -18.20
C SER A 30 20.31 41.07 -17.09
N GLY A 31 20.15 39.79 -17.40
CA GLY A 31 20.50 38.72 -16.47
C GLY A 31 19.49 38.53 -15.36
N ILE A 32 19.90 37.85 -14.29
CA ILE A 32 19.04 37.59 -13.12
C ILE A 32 19.73 37.93 -11.78
N THR A 33 18.95 38.01 -10.72
CA THR A 33 19.43 38.41 -9.38
C THR A 33 18.90 37.48 -8.26
N TYR A 34 19.81 36.89 -7.49
CA TYR A 34 19.45 36.02 -6.37
C TYR A 34 19.29 36.77 -5.05
N SER A 35 18.30 36.38 -4.26
CA SER A 35 18.11 36.92 -2.91
C SER A 35 17.51 35.86 -1.97
N ALA A 36 16.70 36.29 -1.01
CA ALA A 36 15.98 35.37 -0.10
C ALA A 36 14.51 35.21 -0.51
N ASP A 37 14.08 36.09 -1.40
CA ASP A 37 12.71 36.13 -1.91
C ASP A 37 12.53 35.24 -3.14
N GLY A 38 13.62 34.96 -3.84
CA GLY A 38 13.63 34.14 -5.04
C GLY A 38 14.56 34.65 -6.14
N VAL A 39 14.11 34.53 -7.39
CA VAL A 39 14.89 34.95 -8.56
C VAL A 39 14.21 36.11 -9.26
N THR A 40 14.96 37.20 -9.48
CA THR A 40 14.42 38.45 -10.00
C THR A 40 15.12 38.89 -11.28
N PHE A 41 14.35 39.39 -12.24
CA PHE A 41 14.87 40.01 -13.47
C PHE A 41 14.09 41.28 -13.86
N ALA A 42 14.73 42.13 -14.66
CA ALA A 42 14.10 43.32 -15.21
C ALA A 42 13.40 42.96 -16.52
N ALA A 43 12.13 43.35 -16.65
CA ALA A 43 11.36 42.98 -17.84
C ALA A 43 11.53 44.06 -18.88
N LEU A 44 12.68 44.04 -19.56
CA LEU A 44 13.16 45.17 -20.37
C LEU A 44 12.43 45.36 -21.69
N GLY A 45 12.01 44.26 -22.30
CA GLY A 45 11.30 44.27 -23.58
C GLY A 45 10.59 42.96 -23.87
N ASP A 46 10.05 42.86 -25.09
CA ASP A 46 9.31 41.68 -25.50
C ASP A 46 10.25 40.48 -25.66
N GLY A 47 9.91 39.37 -25.00
CA GLY A 47 10.76 38.18 -25.05
C GLY A 47 11.83 38.09 -23.97
N VAL A 48 11.92 39.09 -23.10
CA VAL A 48 12.93 39.07 -22.04
C VAL A 48 12.41 38.25 -20.85
N GLY A 49 13.22 37.28 -20.40
CA GLY A 49 12.82 36.40 -19.33
C GLY A 49 13.95 35.83 -18.48
N ALA A 50 13.63 34.79 -17.71
CA ALA A 50 14.59 34.07 -16.88
C ALA A 50 14.37 32.58 -17.02
N VAL A 51 15.46 31.81 -17.12
CA VAL A 51 15.35 30.37 -17.41
C VAL A 51 16.34 29.49 -16.63
N PHE A 52 16.03 28.19 -16.60
CA PHE A 52 16.93 27.15 -16.14
C PHE A 52 16.86 25.93 -17.07
N ASP A 53 17.74 24.94 -16.83
CA ASP A 53 17.86 23.76 -17.70
C ASP A 53 17.43 22.44 -17.06
N ILE A 54 16.89 21.55 -17.89
CA ILE A 54 16.71 20.12 -17.57
C ILE A 54 17.51 19.27 -18.56
N ALA A 55 18.40 18.43 -18.05
CA ALA A 55 19.24 17.57 -18.90
C ALA A 55 18.40 16.50 -19.62
N ARG A 56 18.81 16.16 -20.85
CA ARG A 56 18.23 15.02 -21.59
C ARG A 56 18.62 13.68 -20.95
N PRO A 57 17.80 12.63 -21.10
CA PRO A 57 16.52 12.65 -21.84
C PRO A 57 15.35 13.16 -21.00
N THR A 58 14.25 13.54 -21.67
CA THR A 58 13.08 14.05 -20.96
C THR A 58 11.78 13.30 -21.28
N THR A 59 10.95 13.13 -20.25
CA THR A 59 9.59 12.64 -20.43
C THR A 59 8.65 13.67 -19.82
N LEU A 60 8.49 14.79 -20.53
CA LEU A 60 7.88 16.01 -19.99
C LEU A 60 6.48 16.31 -20.50
N GLU A 61 5.99 15.49 -21.43
CA GLU A 61 4.60 15.59 -21.90
C GLU A 61 3.59 15.30 -20.79
N ASP A 62 2.60 16.17 -20.68
CA ASP A 62 1.58 16.16 -19.62
C ASP A 62 2.11 16.56 -18.24
N ALA A 63 3.37 17.00 -18.20
CA ALA A 63 3.94 17.59 -16.98
C ALA A 63 3.37 18.99 -16.71
N VAL A 64 3.23 19.33 -15.42
CA VAL A 64 2.66 20.62 -15.01
C VAL A 64 3.72 21.49 -14.31
N ILE A 65 3.99 22.65 -14.91
CA ILE A 65 4.88 23.66 -14.35
C ILE A 65 4.07 24.62 -13.49
N ALA A 66 4.41 24.73 -12.21
CA ALA A 66 3.75 25.69 -11.32
C ALA A 66 4.76 26.66 -10.74
N MET A 67 4.50 27.96 -10.96
CA MET A 67 5.36 29.02 -10.45
C MET A 67 4.62 29.97 -9.50
N VAL A 68 5.23 30.25 -8.35
CA VAL A 68 4.80 31.34 -7.48
C VAL A 68 5.61 32.59 -7.84
N VAL A 69 4.92 33.63 -8.32
CA VAL A 69 5.59 34.88 -8.72
C VAL A 69 5.11 36.14 -7.96
N ASN A 70 5.83 37.24 -8.16
CA ASN A 70 5.61 38.50 -7.47
C ASN A 70 6.11 39.64 -8.39
N VAL A 71 5.21 40.51 -8.84
CA VAL A 71 5.56 41.52 -9.86
C VAL A 71 5.47 42.97 -9.35
N SER A 72 6.39 43.82 -9.79
CA SER A 72 6.49 45.18 -9.30
C SER A 72 5.34 46.06 -9.79
N ALA A 73 5.16 47.21 -9.13
CA ALA A 73 4.14 48.19 -9.51
C ALA A 73 4.29 48.64 -10.96
N GLU A 74 5.53 48.84 -11.40
CA GLU A 74 5.84 49.30 -12.76
C GLU A 74 5.43 48.26 -13.82
N PHE A 75 5.58 46.97 -13.51
CA PHE A 75 5.17 45.91 -14.43
C PHE A 75 3.66 45.83 -14.58
N LYS A 76 2.95 45.94 -13.45
CA LYS A 76 1.49 46.08 -13.45
C LYS A 76 1.09 47.23 -14.39
N ALA A 77 1.56 48.44 -14.09
CA ALA A 77 1.28 49.62 -14.90
C ALA A 77 1.54 49.46 -16.40
N SER A 78 2.49 48.59 -16.77
CA SER A 78 2.89 48.36 -18.17
C SER A 78 1.88 47.58 -19.01
N GLU A 79 0.92 46.96 -18.34
CA GLU A 79 -0.13 46.15 -18.99
C GLU A 79 0.42 44.90 -19.71
N ALA A 80 1.69 44.58 -19.45
CA ALA A 80 2.35 43.42 -20.07
C ALA A 80 1.83 42.09 -19.52
N ASN A 81 1.82 41.08 -20.39
CA ASN A 81 1.46 39.71 -20.01
C ASN A 81 2.69 38.88 -19.63
N LEU A 82 2.45 37.75 -18.97
CA LEU A 82 3.49 36.80 -18.59
C LEU A 82 3.30 35.47 -19.30
N GLN A 83 4.37 34.99 -19.92
CA GLN A 83 4.34 33.71 -20.60
C GLN A 83 5.32 32.69 -19.99
N ILE A 84 4.79 31.71 -19.25
CA ILE A 84 5.59 30.51 -18.92
C ILE A 84 5.82 29.74 -20.23
N PHE A 85 7.02 29.22 -20.43
CA PHE A 85 7.35 28.42 -21.62
C PHE A 85 8.48 27.41 -21.39
N ALA A 86 8.68 26.54 -22.38
CA ALA A 86 9.80 25.62 -22.43
C ALA A 86 10.16 25.39 -23.90
N GLN A 87 11.44 25.12 -24.16
CA GLN A 87 11.93 24.90 -25.53
C GLN A 87 13.17 24.00 -25.58
N LEU A 88 13.38 23.34 -26.71
CA LEU A 88 14.56 22.48 -26.90
C LEU A 88 15.81 23.28 -27.27
N LYS A 89 16.91 23.06 -26.55
CA LYS A 89 18.18 23.71 -26.86
C LYS A 89 18.75 23.12 -28.15
N GLU A 90 19.21 23.98 -29.06
CA GLU A 90 19.64 23.59 -30.42
C GLU A 90 18.51 23.24 -31.39
N ASP A 91 17.27 23.37 -30.93
CA ASP A 91 16.08 23.19 -31.75
C ASP A 91 15.06 24.22 -31.28
N TRP A 92 15.52 25.48 -31.25
CA TRP A 92 14.86 26.56 -30.52
C TRP A 92 13.40 26.81 -30.89
N SER A 93 13.05 26.59 -32.15
CA SER A 93 11.68 26.81 -32.64
C SER A 93 10.63 25.82 -32.06
N LYS A 94 11.08 24.65 -31.62
CA LYS A 94 10.20 23.64 -31.03
C LYS A 94 10.05 23.83 -29.53
N GLY A 95 8.80 23.96 -29.06
CA GLY A 95 8.52 24.21 -27.65
C GLY A 95 7.05 24.26 -27.26
N GLU A 96 6.81 24.60 -26.00
CA GLU A 96 5.44 24.80 -25.49
C GLU A 96 5.17 26.30 -25.40
N TRP A 97 4.34 26.81 -26.31
CA TRP A 97 4.13 28.25 -26.48
C TRP A 97 2.70 28.71 -26.16
N ASP A 98 1.88 27.80 -25.65
CA ASP A 98 0.43 28.05 -25.52
C ASP A 98 -0.04 28.41 -24.11
N CYS A 99 0.90 28.80 -23.24
CA CYS A 99 0.55 29.31 -21.92
C CYS A 99 0.67 30.84 -21.94
N LEU A 100 -0.28 31.51 -21.29
CA LEU A 100 -0.24 32.97 -21.18
C LEU A 100 -1.07 33.46 -19.99
N ALA A 101 -0.44 34.20 -19.09
CA ALA A 101 -1.15 34.92 -18.02
C ALA A 101 -1.27 36.41 -18.37
N ALA A 102 -2.50 36.87 -18.60
CA ALA A 102 -2.72 38.25 -19.06
C ALA A 102 -2.73 39.27 -17.91
N SER A 103 -2.25 40.49 -18.18
CA SER A 103 -2.14 41.51 -17.13
C SER A 103 -3.38 41.59 -16.24
N SER A 104 -4.54 41.28 -16.84
CA SER A 104 -5.82 41.21 -16.13
C SER A 104 -5.71 40.49 -14.79
N GLU A 105 -5.17 39.26 -14.83
CA GLU A 105 -5.14 38.36 -13.67
C GLU A 105 -4.10 38.72 -12.60
N LEU A 106 -3.27 39.73 -12.89
CA LEU A 106 -2.13 40.06 -12.03
C LEU A 106 -2.40 41.20 -11.04
N THR A 107 -1.76 41.11 -9.88
CA THR A 107 -1.77 42.19 -8.88
C THR A 107 -0.50 42.16 -8.03
N THR A 110 0.53 40.81 -4.79
CA THR A 110 0.52 39.57 -4.03
C THR A 110 1.30 38.44 -4.73
N ASP A 111 1.79 37.47 -3.96
CA ASP A 111 2.33 36.24 -4.55
C ASP A 111 1.17 35.48 -5.20
N LEU A 112 1.28 35.27 -6.51
CA LEU A 112 0.28 34.56 -7.29
C LEU A 112 0.83 33.18 -7.65
N THR A 113 -0.06 32.22 -7.88
CA THR A 113 0.37 30.93 -8.43
C THR A 113 -0.07 30.77 -9.88
N LEU A 114 0.91 30.85 -10.78
CA LEU A 114 0.68 30.65 -12.21
C LEU A 114 1.15 29.25 -12.63
N THR A 115 0.33 28.58 -13.42
CA THR A 115 0.60 27.23 -13.91
C THR A 115 0.63 27.18 -15.43
N CYS A 116 1.28 26.13 -15.94
CA CYS A 116 1.41 25.87 -17.37
C CYS A 116 1.55 24.36 -17.58
N THR A 117 0.54 23.78 -18.23
CA THR A 117 0.60 22.37 -18.58
C THR A 117 1.34 22.15 -19.90
N ILE A 118 2.38 21.31 -19.85
CA ILE A 118 3.13 20.96 -21.05
C ILE A 118 2.32 19.95 -21.85
N ASP A 119 1.72 20.44 -22.94
CA ASP A 119 0.76 19.65 -23.70
C ASP A 119 1.00 19.91 -25.17
N GLU A 120 1.65 18.96 -25.85
CA GLU A 120 1.95 19.16 -27.26
C GLU A 120 1.37 18.09 -28.18
N ASP A 121 1.15 18.50 -29.42
CA ASP A 121 0.41 17.73 -30.41
C ASP A 121 1.17 16.50 -30.90
N ASP A 122 2.50 16.61 -30.99
CA ASP A 122 3.36 15.56 -31.54
C ASP A 122 4.21 14.80 -30.50
N ASP A 123 4.02 15.12 -29.22
CA ASP A 123 4.77 14.53 -28.10
C ASP A 123 6.28 14.91 -28.10
N LYS A 124 6.57 16.13 -28.55
CA LYS A 124 7.95 16.64 -28.69
C LYS A 124 8.77 16.69 -27.40
N PHE A 125 8.11 16.70 -26.23
CA PHE A 125 8.81 16.76 -24.94
C PHE A 125 9.07 15.39 -24.29
N ASN A 126 8.71 14.32 -25.00
CA ASN A 126 9.25 12.99 -24.71
C ASN A 126 10.28 12.67 -25.80
N GLN A 127 11.54 12.94 -25.49
CA GLN A 127 12.62 12.90 -26.47
C GLN A 127 13.99 12.65 -25.80
N THR A 128 14.98 12.35 -26.64
CA THR A 128 16.30 11.93 -26.15
C THR A 128 17.45 12.83 -26.60
N ALA A 129 17.16 13.74 -27.55
CA ALA A 129 18.20 14.46 -28.30
C ALA A 129 18.83 15.69 -27.62
N ARG A 130 18.00 16.53 -27.00
CA ARG A 130 18.49 17.81 -26.49
C ARG A 130 18.11 18.10 -25.04
N ASP A 131 18.90 18.95 -24.40
CA ASP A 131 18.56 19.52 -23.10
C ASP A 131 17.35 20.44 -23.27
N VAL A 132 16.67 20.76 -22.17
CA VAL A 132 15.44 21.56 -22.25
C VAL A 132 15.56 22.83 -21.41
N GLN A 133 15.29 23.97 -22.05
CA GLN A 133 15.30 25.26 -21.39
C GLN A 133 13.87 25.61 -21.01
N VAL A 134 13.67 25.92 -19.72
CA VAL A 134 12.36 26.20 -19.09
C VAL A 134 12.35 27.58 -18.39
N GLY A 135 11.28 28.37 -18.54
CA GLY A 135 11.26 29.69 -17.91
C GLY A 135 9.96 30.50 -17.88
N ILE A 136 10.10 31.82 -17.73
CA ILE A 136 8.99 32.78 -17.83
C ILE A 136 9.53 34.05 -18.49
N GLN A 137 8.75 34.64 -19.41
CA GLN A 137 9.14 35.86 -20.11
C GLN A 137 7.99 36.85 -20.21
N ALA A 138 8.33 38.13 -20.40
CA ALA A 138 7.34 39.18 -20.57
C ALA A 138 6.93 39.26 -22.05
N LYS A 139 5.67 39.60 -22.30
CA LYS A 139 5.16 39.81 -23.66
C LYS A 139 4.37 41.12 -23.77
N GLY A 140 4.73 41.94 -24.77
CA GLY A 140 4.09 43.22 -25.02
C GLY A 140 5.09 44.38 -25.02
N THR A 141 4.76 45.42 -24.25
CA THR A 141 5.66 46.54 -23.99
C THR A 141 5.93 46.66 -22.47
N PRO A 142 6.72 45.72 -21.92
CA PRO A 142 6.91 45.61 -20.46
C PRO A 142 7.81 46.67 -19.83
N ALA A 143 7.79 46.72 -18.50
CA ALA A 143 8.68 47.53 -17.67
C ALA A 143 8.72 46.99 -16.25
N GLY A 144 9.61 47.50 -15.41
CA GLY A 144 9.71 47.07 -14.01
C GLY A 144 10.35 45.70 -13.83
N THR A 145 10.02 45.03 -12.71
CA THR A 145 10.65 43.74 -12.35
C THR A 145 9.67 42.60 -12.10
N ILE A 146 10.17 41.37 -12.29
CA ILE A 146 9.47 40.12 -11.93
C ILE A 146 10.32 39.30 -10.94
N THR A 147 9.66 38.74 -9.92
CA THR A 147 10.32 37.86 -8.94
C THR A 147 9.66 36.49 -8.89
N ILE A 148 10.45 35.44 -9.16
CA ILE A 148 9.96 34.06 -9.02
C ILE A 148 10.41 33.46 -7.69
N LYS A 149 9.44 33.09 -6.87
CA LYS A 149 9.70 32.60 -5.51
C LYS A 149 9.97 31.10 -5.49
N SER A 150 9.23 30.36 -6.31
CA SER A 150 9.34 28.89 -6.36
C SER A 150 8.85 28.30 -7.69
N VAL A 151 9.40 27.14 -8.06
CA VAL A 151 8.95 26.39 -9.22
C VAL A 151 8.92 24.90 -8.91
N THR A 152 7.80 24.27 -9.25
CA THR A 152 7.60 22.84 -9.08
C THR A 152 7.13 22.30 -10.43
N ILE A 153 7.60 21.11 -10.79
CA ILE A 153 7.14 20.46 -12.02
C ILE A 153 6.57 19.07 -11.71
N THR A 154 5.26 18.92 -11.89
CA THR A 154 4.55 17.66 -11.64
C THR A 154 4.48 16.82 -12.93
N LEU A 155 5.35 15.82 -12.97
CA LEU A 155 5.54 14.94 -14.13
C LEU A 155 4.47 13.86 -14.20
N ALA A 159 -0.33 5.23 -19.45
CA ALA A 159 -0.49 4.37 -18.25
C ALA A 159 -0.20 2.93 -18.63
N TYR A 160 -0.47 2.03 -17.68
CA TYR A 160 -0.39 0.60 -17.91
C TYR A 160 -1.78 0.02 -17.59
N SER A 161 -2.19 -1.00 -18.34
CA SER A 161 -3.34 -1.84 -17.95
C SER A 161 -2.95 -3.32 -17.94
N ALA A 162 -3.39 -4.05 -16.92
CA ALA A 162 -3.19 -5.50 -16.89
C ALA A 162 -4.19 -6.24 -17.78
N ASN A 163 -5.19 -5.53 -18.29
CA ASN A 163 -6.28 -6.15 -19.07
C ASN A 163 -6.96 -7.35 -18.36
N VAL A 164 -7.21 -7.14 -17.06
CA VAL A 164 -7.99 -8.06 -16.21
C VAL A 164 -9.34 -7.40 -15.84
N ASP A 165 -10.44 -7.96 -16.32
CA ASP A 165 -11.76 -7.37 -16.08
C ASP A 165 -12.20 -7.53 -14.58
N HIS A 166 -12.10 -8.74 -14.05
CA HIS A 166 -12.50 -9.02 -12.67
C HIS A 166 -11.61 -10.17 -12.15
N LEU A 167 -10.61 -9.87 -11.32
CA LEU A 167 -9.64 -10.92 -10.88
C LEU A 167 -10.35 -12.15 -10.29
N ARG A 168 -11.33 -11.90 -9.42
CA ARG A 168 -12.08 -12.98 -8.75
C ARG A 168 -12.65 -14.04 -9.71
N ASP A 169 -13.05 -13.61 -10.91
CA ASP A 169 -13.74 -14.49 -11.86
C ASP A 169 -12.83 -15.48 -12.60
N LEU A 170 -11.52 -15.37 -12.34
CA LEU A 170 -10.53 -16.26 -12.95
C LEU A 170 -10.11 -17.45 -12.06
N ALA A 171 -10.58 -17.50 -10.81
CA ALA A 171 -10.22 -18.65 -9.95
C ALA A 171 -10.64 -19.96 -10.65
N PRO A 172 -9.71 -20.92 -10.82
CA PRO A 172 -10.04 -22.17 -11.51
C PRO A 172 -10.89 -23.18 -10.72
N SER A 173 -11.05 -22.95 -9.40
CA SER A 173 -12.04 -23.67 -8.60
C SER A 173 -12.71 -22.68 -7.64
N ASP A 174 -13.63 -23.17 -6.84
CA ASP A 174 -14.43 -22.33 -5.93
C ASP A 174 -13.66 -22.02 -4.63
N PHE A 175 -12.88 -20.94 -4.68
CA PHE A 175 -12.24 -20.38 -3.49
C PHE A 175 -12.25 -18.86 -3.64
N PRO A 176 -12.33 -18.15 -2.53
CA PRO A 176 -12.39 -16.68 -2.60
C PRO A 176 -11.08 -15.97 -2.98
N ILE A 177 -11.21 -14.82 -3.67
CA ILE A 177 -10.11 -13.91 -3.98
C ILE A 177 -10.41 -12.63 -3.20
N GLY A 178 -9.59 -12.32 -2.19
CA GLY A 178 -9.96 -11.36 -1.15
C GLY A 178 -8.93 -10.25 -0.94
N VAL A 179 -9.32 -9.24 -0.16
CA VAL A 179 -8.48 -8.06 0.13
C VAL A 179 -8.72 -7.53 1.56
N ALA A 180 -7.65 -7.09 2.24
CA ALA A 180 -7.79 -6.37 3.50
C ALA A 180 -8.02 -4.89 3.24
N VAL A 181 -9.02 -4.32 3.93
CA VAL A 181 -9.38 -2.89 3.78
C VAL A 181 -9.09 -2.12 5.07
N SER A 182 -8.96 -0.80 4.94
CA SER A 182 -8.94 0.09 6.09
C SER A 182 -10.37 0.53 6.36
N ASN A 183 -10.62 0.87 7.62
CA ASN A 183 -11.95 1.30 8.07
C ASN A 183 -11.83 2.61 8.85
N THR A 184 -12.53 2.79 9.97
CA THR A 184 -12.51 4.07 10.72
C THR A 184 -11.11 4.31 11.34
N ASP A 185 -10.24 3.31 11.28
CA ASP A 185 -8.85 3.46 11.73
C ASP A 185 -7.98 4.33 10.80
N SER A 186 -8.52 4.69 9.63
CA SER A 186 -7.81 5.57 8.69
C SER A 186 -8.74 6.66 8.17
N ALA A 187 -8.44 7.93 8.44
CA ALA A 187 -9.27 9.02 7.91
C ALA A 187 -9.25 9.08 6.38
N THR A 188 -8.08 8.87 5.82
CA THR A 188 -7.92 9.00 4.38
C THR A 188 -8.41 7.76 3.61
N TYR A 189 -8.12 6.56 4.13
CA TYR A 189 -8.29 5.30 3.38
C TYR A 189 -9.50 4.43 3.79
N ASN A 190 -10.33 4.95 4.70
CA ASN A 190 -11.58 4.28 5.15
C ASN A 190 -12.40 3.84 3.95
N LEU A 191 -12.63 2.52 3.82
CA LEU A 191 -13.41 1.96 2.70
C LEU A 191 -14.74 2.71 2.49
N LEU A 192 -15.46 2.93 3.58
CA LEU A 192 -16.79 3.54 3.52
C LEU A 192 -16.82 5.03 3.16
N THR A 193 -15.69 5.73 3.27
CA THR A 193 -15.70 7.16 2.88
C THR A 193 -14.88 7.46 1.61
N ASN A 194 -14.12 6.47 1.12
CA ASN A 194 -13.21 6.66 -0.02
C ASN A 194 -13.74 5.93 -1.27
N SER A 195 -14.29 6.69 -2.22
CA SER A 195 -14.93 6.09 -3.38
C SER A 195 -13.94 5.37 -4.33
N ARG A 196 -12.66 5.78 -4.35
CA ARG A 196 -11.65 5.05 -5.15
C ARG A 196 -11.36 3.66 -4.57
N GLU A 197 -11.32 3.56 -3.23
CA GLU A 197 -11.19 2.24 -2.58
C GLU A 197 -12.41 1.35 -2.91
N GLN A 198 -13.61 1.91 -2.81
CA GLN A 198 -14.82 1.14 -3.12
C GLN A 198 -14.78 0.58 -4.54
N ALA A 199 -14.35 1.42 -5.48
CA ALA A 199 -14.32 1.02 -6.90
C ALA A 199 -13.38 -0.17 -7.22
N VAL A 200 -12.16 -0.12 -6.71
CA VAL A 200 -11.18 -1.17 -6.95
C VAL A 200 -11.62 -2.47 -6.29
N VAL A 201 -12.15 -2.36 -5.07
CA VAL A 201 -12.66 -3.53 -4.34
C VAL A 201 -13.82 -4.19 -5.09
N LYS A 202 -14.83 -3.40 -5.46
CA LYS A 202 -15.99 -3.92 -6.20
C LYS A 202 -15.60 -4.55 -7.56
N LYS A 203 -14.55 -4.02 -8.19
CA LYS A 203 -14.15 -4.56 -9.50
C LYS A 203 -13.50 -5.96 -9.41
N HIS A 204 -12.66 -6.19 -8.41
CA HIS A 204 -11.78 -7.37 -8.46
C HIS A 204 -11.99 -8.45 -7.38
N PHE A 205 -12.71 -8.17 -6.30
CA PHE A 205 -12.65 -9.09 -5.13
C PHE A 205 -14.04 -9.61 -4.76
N ASN A 206 -14.11 -10.71 -3.99
CA ASN A 206 -15.41 -11.22 -3.49
C ASN A 206 -15.38 -11.63 -2.00
N HIS A 207 -14.38 -11.11 -1.27
CA HIS A 207 -14.02 -11.57 0.09
C HIS A 207 -13.21 -10.43 0.74
N LEU A 208 -13.51 -10.13 2.02
CA LEU A 208 -12.90 -8.99 2.71
C LEU A 208 -12.41 -9.32 4.12
N THR A 209 -11.30 -8.69 4.54
CA THR A 209 -10.83 -8.71 5.95
C THR A 209 -10.69 -7.26 6.46
N ALA A 210 -11.14 -6.99 7.70
CA ALA A 210 -10.88 -5.66 8.30
C ALA A 210 -9.43 -5.62 8.78
N GLY A 211 -8.70 -4.59 8.39
CA GLY A 211 -7.29 -4.50 8.73
C GLY A 211 -7.03 -4.31 10.22
N ASN A 212 -7.93 -3.60 10.90
CA ASN A 212 -7.77 -3.37 12.35
C ASN A 212 -9.04 -3.42 13.18
N ILE A 213 -10.21 -3.03 12.65
CA ILE A 213 -11.37 -2.76 13.57
C ILE A 213 -12.12 -3.96 14.18
N MET A 214 -11.70 -5.18 13.82
CA MET A 214 -12.23 -6.39 14.46
C MET A 214 -11.21 -7.02 15.38
N LYS A 215 -10.18 -6.26 15.74
CA LYS A 215 -9.20 -6.73 16.73
C LYS A 215 -9.67 -6.43 18.17
N MET A 216 -8.89 -6.82 19.18
CA MET A 216 -9.52 -7.08 20.51
C MET A 216 -10.09 -5.82 21.21
N SER A 217 -9.25 -4.81 21.40
CA SER A 217 -9.66 -3.58 22.11
C SER A 217 -10.61 -2.72 21.28
N TYR A 218 -10.61 -2.89 19.96
CA TYR A 218 -11.65 -2.26 19.08
C TYR A 218 -13.03 -2.85 19.34
N MET A 219 -13.10 -4.18 19.53
CA MET A 219 -14.39 -4.86 19.78
C MET A 219 -14.89 -4.78 21.24
N GLN A 220 -13.96 -4.80 22.20
CA GLN A 220 -14.31 -4.75 23.63
C GLN A 220 -13.30 -3.81 24.37
N PRO A 221 -13.50 -2.49 24.26
CA PRO A 221 -12.57 -1.51 24.87
C PRO A 221 -12.54 -1.56 26.40
N THR A 222 -13.68 -1.87 27.03
CA THR A 222 -13.73 -2.09 28.49
C THR A 222 -14.51 -3.38 28.82
N GLU A 223 -14.39 -3.86 30.06
CA GLU A 223 -14.95 -5.18 30.38
C GLU A 223 -16.48 -5.15 30.29
N GLY A 224 -17.06 -6.02 29.46
CA GLY A 224 -18.51 -6.00 29.26
C GLY A 224 -19.17 -4.88 28.45
N ASN A 225 -18.38 -3.92 27.95
CA ASN A 225 -18.89 -2.96 26.96
C ASN A 225 -18.34 -3.28 25.58
N PHE A 226 -19.14 -3.97 24.75
CA PHE A 226 -18.73 -4.31 23.39
C PHE A 226 -19.12 -3.16 22.45
N ASN A 227 -18.35 -2.94 21.40
CA ASN A 227 -18.61 -1.85 20.45
C ASN A 227 -18.75 -2.41 19.04
N PHE A 228 -19.98 -2.63 18.57
CA PHE A 228 -20.17 -3.26 17.27
C PHE A 228 -20.50 -2.31 16.12
N THR A 229 -20.70 -1.02 16.41
CA THR A 229 -21.22 -0.09 15.40
C THR A 229 -20.39 -0.01 14.10
N ASN A 230 -19.08 0.25 14.22
CA ASN A 230 -18.26 0.44 13.00
C ASN A 230 -18.02 -0.87 12.24
N ALA A 231 -17.75 -1.95 12.98
CA ALA A 231 -17.57 -3.24 12.31
C ALA A 231 -18.86 -3.77 11.65
N ASP A 232 -20.03 -3.50 12.27
CA ASP A 232 -21.33 -3.84 11.65
C ASP A 232 -21.59 -3.08 10.33
N ALA A 233 -21.26 -1.78 10.26
CA ALA A 233 -21.40 -1.02 9.00
C ALA A 233 -20.50 -1.62 7.89
N PHE A 234 -19.30 -2.06 8.25
CA PHE A 234 -18.39 -2.76 7.30
C PHE A 234 -19.03 -4.10 6.79
N VAL A 235 -19.48 -4.93 7.71
CA VAL A 235 -20.17 -6.18 7.33
C VAL A 235 -21.41 -5.90 6.43
N ASP A 236 -22.20 -4.86 6.74
CA ASP A 236 -23.41 -4.54 5.96
C ASP A 236 -23.00 -4.17 4.54
N TRP A 237 -21.91 -3.40 4.40
CA TRP A 237 -21.44 -3.01 3.04
C TRP A 237 -20.96 -4.27 2.28
N ALA A 238 -20.27 -5.19 2.98
CA ALA A 238 -19.84 -6.44 2.32
C ALA A 238 -21.07 -7.20 1.81
N THR A 239 -22.10 -7.28 2.66
CA THR A 239 -23.34 -7.99 2.26
C THR A 239 -24.03 -7.32 1.08
N GLU A 240 -24.15 -5.99 1.12
CA GLU A 240 -24.74 -5.23 0.01
C GLU A 240 -24.05 -5.57 -1.33
N ASN A 241 -22.74 -5.81 -1.25
CA ASN A 241 -21.91 -6.04 -2.46
C ASN A 241 -21.57 -7.51 -2.74
N ASN A 242 -22.33 -8.43 -2.14
CA ASN A 242 -22.20 -9.88 -2.40
C ASN A 242 -20.78 -10.45 -2.12
N MET A 243 -20.19 -9.99 -1.00
CA MET A 243 -18.85 -10.42 -0.57
C MET A 243 -18.92 -11.04 0.83
N THR A 244 -18.15 -12.10 1.06
CA THR A 244 -18.11 -12.72 2.41
C THR A 244 -17.03 -12.08 3.26
N VAL A 245 -17.14 -12.23 4.58
CA VAL A 245 -16.14 -11.62 5.49
C VAL A 245 -15.32 -12.68 6.26
N HIS A 246 -13.99 -12.51 6.26
CA HIS A 246 -13.07 -13.27 7.13
C HIS A 246 -12.84 -12.44 8.39
N GLY A 247 -13.17 -12.99 9.56
CA GLY A 247 -12.99 -12.26 10.81
C GLY A 247 -11.53 -12.31 11.31
N HIS A 248 -10.97 -11.15 11.69
CA HIS A 248 -9.57 -11.04 12.10
C HIS A 248 -9.48 -10.02 13.25
N ALA A 249 -9.13 -10.39 14.51
CA ALA A 249 -8.81 -11.75 14.99
C ALA A 249 -9.28 -11.84 16.47
N LEU A 250 -9.60 -13.05 16.94
CA LEU A 250 -10.23 -13.17 18.27
C LEU A 250 -9.22 -13.01 19.41
N VAL A 251 -7.97 -13.48 19.20
CA VAL A 251 -6.90 -13.42 20.21
C VAL A 251 -5.56 -13.08 19.52
N TRP A 252 -4.83 -12.08 20.04
CA TRP A 252 -3.53 -11.62 19.48
C TRP A 252 -2.83 -10.81 20.53
N HIS A 253 -1.52 -11.01 20.68
CA HIS A 253 -0.75 -10.38 21.77
C HIS A 253 -0.33 -8.92 21.54
N SER A 254 -0.41 -8.41 20.30
CA SER A 254 0.19 -7.11 19.97
C SER A 254 -0.36 -6.00 20.86
N ASP A 255 0.54 -5.28 21.52
CA ASP A 255 0.20 -4.41 22.65
C ASP A 255 -0.87 -3.34 22.34
N TYR A 256 -0.79 -2.72 21.15
CA TYR A 256 -1.69 -1.62 20.81
C TYR A 256 -3.18 -2.01 20.82
N GLN A 257 -3.47 -3.30 20.64
CA GLN A 257 -4.87 -3.75 20.57
C GLN A 257 -5.32 -4.75 21.68
N VAL A 258 -4.49 -4.95 22.71
CA VAL A 258 -4.93 -5.75 23.86
C VAL A 258 -5.82 -4.85 24.74
N PRO A 259 -7.03 -5.30 25.14
CA PRO A 259 -7.88 -4.44 25.97
C PRO A 259 -7.19 -4.08 27.28
N ASN A 260 -7.33 -2.85 27.74
CA ASN A 260 -6.64 -2.37 28.95
C ASN A 260 -6.88 -3.28 30.18
N PHE A 261 -8.13 -3.73 30.37
CA PHE A 261 -8.51 -4.57 31.53
C PHE A 261 -7.83 -5.96 31.51
N MET A 262 -7.50 -6.46 30.32
CA MET A 262 -6.74 -7.69 30.18
C MET A 262 -5.25 -7.47 30.49
N LYS A 263 -4.67 -6.42 29.91
CA LYS A 263 -3.26 -6.03 30.20
C LYS A 263 -3.01 -5.96 31.70
N ASN A 264 -3.98 -5.39 32.40
CA ASN A 264 -3.81 -5.12 33.83
C ASN A 264 -4.55 -6.05 34.80
N TRP A 265 -4.92 -7.22 34.29
CA TRP A 265 -5.65 -8.22 35.08
C TRP A 265 -4.95 -8.50 36.40
N ALA A 266 -5.70 -8.40 37.49
CA ALA A 266 -5.21 -8.57 38.86
C ALA A 266 -5.86 -9.70 39.67
N GLY A 267 -6.72 -10.50 39.03
CA GLY A 267 -7.36 -11.65 39.66
C GLY A 267 -6.70 -12.99 39.35
N SER A 268 -7.42 -14.10 39.53
CA SER A 268 -6.87 -15.43 39.29
C SER A 268 -6.74 -15.79 37.80
N ALA A 269 -5.93 -16.81 37.54
CA ALA A 269 -5.80 -17.42 36.20
C ALA A 269 -7.13 -17.98 35.67
N GLU A 270 -7.89 -18.69 36.52
CA GLU A 270 -9.19 -19.20 36.03
C GLU A 270 -10.16 -18.07 35.68
N ASP A 271 -10.20 -17.00 36.49
CA ASP A 271 -11.07 -15.86 36.17
C ASP A 271 -10.64 -15.12 34.90
N PHE A 272 -9.33 -15.07 34.63
CA PHE A 272 -8.84 -14.44 33.38
C PHE A 272 -9.32 -15.27 32.17
N LEU A 273 -9.13 -16.58 32.23
CA LEU A 273 -9.56 -17.47 31.15
C LEU A 273 -11.08 -17.41 30.93
N ALA A 274 -11.85 -17.26 32.02
CA ALA A 274 -13.30 -17.04 31.88
C ALA A 274 -13.65 -15.73 31.14
N ALA A 275 -12.90 -14.66 31.43
CA ALA A 275 -13.12 -13.38 30.73
C ALA A 275 -12.72 -13.46 29.25
N LEU A 276 -11.64 -14.18 28.95
CA LEU A 276 -11.26 -14.47 27.56
C LEU A 276 -12.38 -15.24 26.83
N ASP A 277 -12.96 -16.25 27.49
CA ASP A 277 -14.10 -16.99 26.93
C ASP A 277 -15.27 -16.05 26.60
N THR A 278 -15.59 -15.15 27.53
CA THR A 278 -16.68 -14.19 27.28
C THR A 278 -16.44 -13.29 26.06
N HIS A 279 -15.20 -12.80 25.91
CA HIS A 279 -14.82 -11.99 24.76
C HIS A 279 -15.14 -12.75 23.46
N ILE A 280 -14.64 -13.99 23.38
CA ILE A 280 -14.83 -14.85 22.20
C ILE A 280 -16.31 -15.19 21.93
N THR A 281 -17.03 -15.71 22.93
CA THR A 281 -18.42 -16.17 22.74
C THR A 281 -19.32 -15.00 22.27
N THR A 282 -19.13 -13.82 22.88
CA THR A 282 -19.99 -12.68 22.58
C THR A 282 -19.79 -12.25 21.12
N ILE A 283 -18.54 -12.10 20.71
CA ILE A 283 -18.23 -11.61 19.36
C ILE A 283 -18.61 -12.64 18.28
N VAL A 284 -18.26 -13.91 18.49
CA VAL A 284 -18.65 -14.99 17.55
C VAL A 284 -20.19 -15.12 17.39
N ASP A 285 -20.92 -15.12 18.50
CA ASP A 285 -22.40 -15.19 18.47
C ASP A 285 -23.00 -13.99 17.72
N HIS A 286 -22.46 -12.80 17.95
CA HIS A 286 -22.96 -11.58 17.29
C HIS A 286 -22.77 -11.66 15.77
N TYR A 287 -21.56 -12.03 15.32
CA TYR A 287 -21.31 -12.10 13.85
C TYR A 287 -21.95 -13.33 13.17
N GLU A 288 -22.18 -14.41 13.91
CA GLU A 288 -23.05 -15.49 13.38
C GLU A 288 -24.46 -14.93 13.07
N ALA A 289 -25.05 -14.25 14.05
CA ALA A 289 -26.41 -13.72 13.87
C ALA A 289 -26.51 -12.61 12.80
N LYS A 290 -25.43 -11.84 12.59
CA LYS A 290 -25.42 -10.78 11.53
C LYS A 290 -25.49 -11.37 10.11
N GLY A 291 -24.97 -12.58 9.95
CA GLY A 291 -25.26 -13.35 8.75
C GLY A 291 -24.25 -13.36 7.63
N ASN A 292 -23.08 -12.78 7.84
CA ASN A 292 -22.02 -12.88 6.84
C ASN A 292 -20.67 -12.90 7.58
N LEU A 293 -20.25 -14.09 7.98
CA LEU A 293 -18.94 -14.21 8.62
C LEU A 293 -18.61 -15.67 8.46
N VAL A 294 -17.74 -15.97 7.49
CA VAL A 294 -17.55 -17.36 7.05
C VAL A 294 -16.40 -18.11 7.77
N SER A 295 -15.44 -17.34 8.29
CA SER A 295 -14.23 -17.91 8.93
C SER A 295 -13.61 -16.90 9.89
N TRP A 296 -12.91 -17.39 10.91
CA TRP A 296 -12.19 -16.53 11.88
C TRP A 296 -10.72 -16.94 11.98
N ASP A 297 -9.83 -15.96 12.11
CA ASP A 297 -8.53 -16.23 12.72
C ASP A 297 -8.79 -16.25 14.23
N VAL A 298 -8.81 -17.45 14.81
CA VAL A 298 -9.14 -17.61 16.26
C VAL A 298 -7.97 -17.15 17.12
N VAL A 299 -6.76 -17.64 16.79
CA VAL A 299 -5.53 -17.23 17.49
C VAL A 299 -4.55 -16.79 16.41
N ASN A 300 -3.99 -15.61 16.59
CA ASN A 300 -3.09 -14.99 15.62
C ASN A 300 -1.69 -14.92 16.23
N ALA A 301 -0.70 -15.49 15.52
CA ALA A 301 0.72 -15.19 15.76
C ALA A 301 1.20 -15.40 17.21
N ALA A 302 0.89 -16.58 17.75
CA ALA A 302 1.23 -16.93 19.14
C ALA A 302 2.58 -17.68 19.34
N ILE A 303 3.27 -17.94 18.22
CA ILE A 303 4.58 -18.64 18.24
C ILE A 303 5.69 -17.59 18.12
N ASP A 304 6.79 -17.76 18.87
CA ASP A 304 7.91 -16.81 18.83
C ASP A 304 8.77 -16.89 17.53
N ASP A 305 9.72 -15.94 17.38
CA ASP A 305 10.60 -15.87 16.21
C ASP A 305 12.01 -16.48 16.44
N ASN A 306 12.11 -17.35 17.43
CA ASN A 306 13.37 -18.00 17.81
C ASN A 306 13.54 -19.36 17.12
N SER A 307 14.76 -19.92 17.19
CA SER A 307 15.09 -21.22 16.57
C SER A 307 15.93 -22.06 17.52
N PRO A 308 15.41 -23.16 18.06
CA PRO A 308 14.03 -23.64 17.87
C PRO A 308 12.95 -22.67 18.38
N ALA A 309 11.72 -22.83 17.85
CA ALA A 309 10.58 -22.01 18.21
C ALA A 309 9.72 -22.58 19.34
N ASN A 310 9.13 -21.67 20.12
CA ASN A 310 8.25 -21.98 21.25
C ASN A 310 7.09 -20.99 21.27
N PHE A 311 6.02 -21.33 21.96
CA PHE A 311 4.96 -20.33 22.18
C PHE A 311 5.51 -19.10 22.91
N ARG A 312 4.95 -17.94 22.60
CA ARG A 312 5.40 -16.69 23.23
C ARG A 312 5.23 -16.70 24.75
N THR A 313 6.15 -16.06 25.49
CA THR A 313 6.05 -15.98 26.96
C THR A 313 5.80 -14.54 27.45
N THR A 314 6.88 -13.86 27.87
CA THR A 314 6.77 -12.55 28.54
C THR A 314 6.25 -11.40 27.68
N ASP A 315 6.25 -11.60 26.35
CA ASP A 315 5.69 -10.59 25.45
C ASP A 315 4.20 -10.80 25.14
N SER A 316 3.58 -11.77 25.79
CA SER A 316 2.15 -12.01 25.62
C SER A 316 1.39 -11.91 26.95
N ALA A 317 0.44 -10.97 27.03
CA ALA A 317 -0.44 -10.86 28.20
C ALA A 317 -1.22 -12.17 28.43
N PHE A 318 -1.52 -12.90 27.35
CA PHE A 318 -2.30 -14.13 27.46
C PHE A 318 -1.55 -15.28 28.13
N TYR A 319 -0.26 -15.43 27.81
CA TYR A 319 0.61 -16.37 28.52
C TYR A 319 0.73 -15.99 30.02
N VAL A 320 1.06 -14.73 30.31
CA VAL A 320 1.29 -14.28 31.70
C VAL A 320 0.03 -14.37 32.59
N LYS A 321 -1.09 -13.83 32.12
CA LYS A 321 -2.33 -13.75 32.92
C LYS A 321 -3.11 -15.07 33.01
N SER A 322 -2.81 -16.00 32.10
CA SER A 322 -3.27 -17.39 32.20
C SER A 322 -2.45 -18.22 33.21
N GLY A 323 -1.51 -17.58 33.89
CA GLY A 323 -0.63 -18.24 34.87
C GLY A 323 0.65 -18.84 34.26
N ASN A 324 1.29 -18.11 33.36
CA ASN A 324 2.48 -18.62 32.66
C ASN A 324 2.17 -19.94 31.93
N SER A 325 1.11 -19.91 31.12
CA SER A 325 0.64 -21.09 30.45
C SER A 325 0.13 -20.76 29.04
N SER A 326 0.36 -21.68 28.08
CA SER A 326 -0.23 -21.56 26.74
C SER A 326 -1.60 -22.25 26.56
N VAL A 327 -2.22 -22.66 27.66
CA VAL A 327 -3.54 -23.31 27.57
C VAL A 327 -4.62 -22.42 26.95
N TYR A 328 -4.46 -21.10 26.97
CA TYR A 328 -5.44 -20.17 26.37
C TYR A 328 -5.61 -20.45 24.87
N ILE A 329 -4.60 -21.02 24.21
CA ILE A 329 -4.68 -21.28 22.75
C ILE A 329 -5.76 -22.31 22.44
N GLU A 330 -5.60 -23.54 22.95
CA GLU A 330 -6.63 -24.57 22.79
C GLU A 330 -7.99 -24.14 23.32
N ARG A 331 -8.04 -23.41 24.44
CA ARG A 331 -9.32 -22.95 25.00
C ARG A 331 -10.07 -21.99 24.03
N ALA A 332 -9.31 -21.12 23.38
CA ALA A 332 -9.93 -20.20 22.41
C ALA A 332 -10.64 -20.98 21.28
N PHE A 333 -9.99 -22.02 20.74
CA PHE A 333 -10.61 -22.88 19.71
C PHE A 333 -11.87 -23.62 20.21
N GLN A 334 -11.75 -24.25 21.40
CA GLN A 334 -12.90 -24.95 22.00
C GLN A 334 -14.10 -24.01 22.17
N THR A 335 -13.84 -22.81 22.67
CA THR A 335 -14.88 -21.79 22.92
C THR A 335 -15.54 -21.25 21.64
N ALA A 336 -14.70 -20.96 20.63
CA ALA A 336 -15.19 -20.51 19.31
C ALA A 336 -16.09 -21.57 18.66
N ARG A 337 -15.67 -22.84 18.69
CA ARG A 337 -16.47 -23.95 18.16
C ARG A 337 -17.84 -24.05 18.84
N ALA A 338 -17.87 -23.95 20.17
CA ALA A 338 -19.14 -24.06 20.91
C ALA A 338 -20.10 -22.91 20.54
N ALA A 339 -19.56 -21.71 20.35
CA ALA A 339 -20.39 -20.54 20.05
C ALA A 339 -21.09 -20.65 18.66
N ASP A 340 -20.33 -21.10 17.65
CA ASP A 340 -20.89 -21.31 16.30
C ASP A 340 -20.20 -22.52 15.67
N PRO A 341 -20.82 -23.70 15.76
CA PRO A 341 -20.23 -24.92 15.21
C PRO A 341 -20.02 -24.89 13.69
N ALA A 342 -20.62 -23.93 12.99
CA ALA A 342 -20.56 -23.87 11.52
C ALA A 342 -19.46 -22.97 10.91
N VAL A 343 -18.88 -22.09 11.72
CA VAL A 343 -17.86 -21.14 11.23
C VAL A 343 -16.49 -21.84 11.19
N ILE A 344 -15.70 -21.53 10.15
CA ILE A 344 -14.39 -22.19 9.91
C ILE A 344 -13.31 -21.56 10.80
N LEU A 345 -12.57 -22.38 11.55
CA LEU A 345 -11.60 -21.91 12.53
C LEU A 345 -10.13 -22.07 12.10
N TYR A 346 -9.41 -20.95 12.03
CA TYR A 346 -8.00 -20.92 11.61
C TYR A 346 -7.04 -20.53 12.74
N TYR A 347 -5.84 -21.13 12.72
CA TYR A 347 -4.65 -20.57 13.35
C TYR A 347 -3.85 -19.78 12.28
N ASN A 348 -3.51 -18.50 12.53
CA ASN A 348 -2.90 -17.63 11.50
C ASN A 348 -1.49 -17.14 11.93
N ASP A 349 -0.49 -17.16 11.03
CA ASP A 349 0.88 -16.74 11.41
C ASP A 349 1.78 -16.34 10.23
N TYR A 350 2.81 -15.56 10.52
CA TYR A 350 3.86 -15.18 9.55
C TYR A 350 5.11 -16.02 9.75
N ASN A 351 5.94 -16.10 8.69
CA ASN A 351 7.19 -16.90 8.69
C ASN A 351 7.02 -18.43 8.63
N ILE A 352 5.79 -18.93 8.81
CA ILE A 352 5.56 -20.39 8.76
C ILE A 352 5.65 -20.97 7.33
N GLU A 353 5.68 -20.11 6.33
CA GLU A 353 5.98 -20.53 4.96
C GLU A 353 7.48 -20.75 4.67
N GLN A 354 8.37 -20.37 5.62
CA GLN A 354 9.83 -20.47 5.37
C GLN A 354 10.36 -21.90 5.46
N ASN A 355 9.56 -22.79 6.08
CA ASN A 355 9.89 -24.21 6.23
C ASN A 355 11.06 -24.50 7.18
N ASN A 356 11.24 -23.63 8.17
CA ASN A 356 12.29 -23.79 9.19
C ASN A 356 11.69 -24.01 10.60
N ALA A 357 12.28 -23.40 11.66
CA ALA A 357 11.85 -23.66 13.06
C ALA A 357 10.36 -23.36 13.36
N LYS A 358 9.87 -22.26 12.84
CA LYS A 358 8.49 -21.83 13.11
C LYS A 358 7.47 -22.78 12.44
N THR A 359 7.75 -23.17 11.20
CA THR A 359 6.96 -24.21 10.50
C THR A 359 6.84 -25.48 11.36
N THR A 360 7.98 -25.93 11.90
CA THR A 360 8.01 -27.14 12.74
C THR A 360 7.14 -27.03 14.01
N LYS A 361 7.24 -25.89 14.70
CA LYS A 361 6.43 -25.67 15.93
C LYS A 361 4.93 -25.62 15.57
N MET A 362 4.57 -24.95 14.46
CA MET A 362 3.16 -24.91 14.05
C MET A 362 2.63 -26.33 13.73
N VAL A 363 3.42 -27.14 13.04
CA VAL A 363 2.98 -28.50 12.68
C VAL A 363 2.81 -29.35 13.95
N ASP A 364 3.78 -29.25 14.85
CA ASP A 364 3.67 -30.01 16.10
C ASP A 364 2.43 -29.60 16.92
N MET A 365 2.10 -28.30 16.93
CA MET A 365 0.88 -27.83 17.61
C MET A 365 -0.37 -28.43 16.96
N VAL A 366 -0.44 -28.46 15.63
CA VAL A 366 -1.63 -29.04 14.97
C VAL A 366 -1.79 -30.54 15.30
N LYS A 367 -0.69 -31.28 15.22
CA LYS A 367 -0.68 -32.71 15.56
C LYS A 367 -1.14 -32.99 17.01
N ASP A 368 -0.68 -32.17 17.95
CA ASP A 368 -1.11 -32.21 19.38
C ASP A 368 -2.62 -31.97 19.55
N PHE A 369 -3.11 -30.94 18.86
CA PHE A 369 -4.55 -30.60 18.87
C PHE A 369 -5.39 -31.74 18.30
N GLN A 370 -4.96 -32.32 17.18
CA GLN A 370 -5.69 -33.48 16.60
C GLN A 370 -5.66 -34.70 17.56
N ALA A 371 -4.52 -34.94 18.21
CA ALA A 371 -4.42 -36.03 19.19
C ALA A 371 -5.32 -35.86 20.42
N ARG A 372 -5.53 -34.61 20.85
CA ARG A 372 -6.31 -34.34 22.05
C ARG A 372 -7.70 -33.78 21.79
N SER A 373 -8.16 -33.95 20.55
CA SER A 373 -9.53 -33.55 20.11
C SER A 373 -9.86 -32.05 20.31
N ILE A 374 -8.85 -31.19 20.07
CA ILE A 374 -9.03 -29.73 20.14
C ILE A 374 -9.43 -29.34 18.71
N PRO A 375 -10.55 -28.61 18.55
CA PRO A 375 -11.05 -28.30 17.21
C PRO A 375 -10.14 -27.31 16.47
N ILE A 376 -9.82 -27.62 15.22
CA ILE A 376 -9.10 -26.69 14.32
C ILE A 376 -9.37 -27.08 12.86
N ASP A 377 -9.77 -26.12 12.03
CA ASP A 377 -10.14 -26.44 10.64
C ASP A 377 -9.09 -26.14 9.56
N GLY A 378 -8.17 -25.23 9.86
CA GLY A 378 -7.18 -24.82 8.86
C GLY A 378 -6.06 -23.96 9.41
N VAL A 379 -5.04 -23.73 8.57
CA VAL A 379 -3.93 -22.84 8.89
C VAL A 379 -3.88 -21.67 7.88
N GLY A 380 -3.77 -20.46 8.42
CA GLY A 380 -3.62 -19.26 7.58
C GLY A 380 -2.14 -18.95 7.45
N PHE A 381 -1.66 -18.92 6.21
CA PHE A 381 -0.27 -18.52 5.92
C PHE A 381 -0.36 -17.04 5.53
N GLN A 382 0.08 -16.16 6.40
CA GLN A 382 0.01 -14.72 6.11
C GLN A 382 0.74 -14.37 4.80
N MET A 383 1.90 -14.99 4.59
CA MET A 383 2.65 -14.88 3.29
C MET A 383 3.16 -13.45 3.05
N HIS A 384 3.69 -12.80 4.09
CA HIS A 384 4.40 -11.52 3.91
C HIS A 384 5.82 -11.81 3.38
N VAL A 385 5.95 -11.98 2.07
CA VAL A 385 7.21 -12.51 1.49
C VAL A 385 8.14 -11.41 0.89
N CYS A 386 9.42 -11.75 0.71
CA CYS A 386 10.37 -10.94 -0.08
C CYS A 386 10.36 -11.35 -1.57
N MET A 387 11.06 -10.58 -2.42
CA MET A 387 11.12 -10.83 -3.86
C MET A 387 11.74 -12.20 -4.18
N ASN A 388 12.77 -12.58 -3.42
CA ASN A 388 13.55 -13.78 -3.72
C ASN A 388 13.75 -14.72 -2.51
N TYR A 389 12.94 -14.53 -1.47
CA TYR A 389 13.05 -15.34 -0.25
C TYR A 389 11.68 -15.36 0.44
N PRO A 390 11.20 -16.51 0.93
CA PRO A 390 11.85 -17.81 0.82
C PRO A 390 11.62 -18.44 -0.58
N SER A 391 12.22 -19.59 -0.86
CA SER A 391 12.10 -20.25 -2.16
C SER A 391 10.71 -20.86 -2.36
N ILE A 392 10.31 -21.01 -3.63
CA ILE A 392 9.04 -21.69 -3.96
C ILE A 392 9.06 -23.15 -3.46
N ALA A 393 10.20 -23.81 -3.54
CA ALA A 393 10.32 -25.17 -2.98
C ALA A 393 9.97 -25.24 -1.49
N ASN A 394 10.47 -24.29 -0.69
CA ASN A 394 10.23 -24.25 0.77
C ASN A 394 8.78 -23.84 1.11
N ILE A 395 8.26 -22.85 0.38
CA ILE A 395 6.87 -22.43 0.55
C ILE A 395 5.95 -23.63 0.27
N SER A 396 6.21 -24.34 -0.83
CA SER A 396 5.40 -25.53 -1.19
C SER A 396 5.47 -26.65 -0.13
N ALA A 397 6.68 -26.96 0.31
CA ALA A 397 6.85 -27.99 1.34
C ALA A 397 6.15 -27.66 2.65
N ALA A 398 6.15 -26.39 3.04
CA ALA A 398 5.50 -25.99 4.28
C ALA A 398 3.97 -26.11 4.21
N MET A 399 3.36 -25.61 3.11
CA MET A 399 1.92 -25.81 2.88
C MET A 399 1.52 -27.30 2.78
N LYS A 400 2.37 -28.10 2.15
CA LYS A 400 2.09 -29.56 2.02
C LYS A 400 1.99 -30.27 3.39
N LYS A 401 2.82 -29.86 4.36
CA LYS A 401 2.75 -30.41 5.71
C LYS A 401 1.35 -30.25 6.33
N VAL A 402 0.70 -29.12 6.03
CA VAL A 402 -0.68 -28.86 6.50
C VAL A 402 -1.70 -29.65 5.66
N VAL A 403 -1.48 -29.71 4.34
CA VAL A 403 -2.38 -30.47 3.44
C VAL A 403 -2.45 -31.93 3.93
N ASP A 404 -1.29 -32.47 4.32
CA ASP A 404 -1.20 -33.90 4.69
C ASP A 404 -1.89 -34.22 6.03
N LEU A 405 -2.21 -33.18 6.82
CA LEU A 405 -2.97 -33.35 8.05
C LEU A 405 -4.49 -33.22 7.81
N GLY A 406 -4.89 -33.02 6.55
CA GLY A 406 -6.29 -33.03 6.18
C GLY A 406 -6.97 -31.68 6.37
N LEU A 407 -6.21 -30.62 6.67
CA LEU A 407 -6.80 -29.29 6.95
C LEU A 407 -6.85 -28.32 5.74
N LEU A 408 -7.65 -27.25 5.87
CA LEU A 408 -7.65 -26.17 4.85
C LEU A 408 -6.36 -25.36 4.91
N VAL A 409 -5.89 -24.89 3.75
CA VAL A 409 -4.74 -23.97 3.70
C VAL A 409 -5.28 -22.68 3.07
N LYS A 410 -5.08 -21.53 3.74
CA LYS A 410 -5.56 -20.21 3.28
C LYS A 410 -4.40 -19.21 3.25
N ILE A 411 -4.20 -18.51 2.14
CA ILE A 411 -3.25 -17.40 2.12
C ILE A 411 -4.05 -16.17 2.54
N THR A 412 -3.67 -15.57 3.67
CA THR A 412 -4.50 -14.53 4.34
C THR A 412 -4.05 -13.08 4.13
N GLU A 413 -2.73 -12.85 3.94
CA GLU A 413 -2.19 -11.46 3.99
C GLU A 413 -1.07 -11.21 2.98
N LEU A 414 -1.22 -11.75 1.77
CA LEU A 414 -0.13 -11.68 0.77
C LEU A 414 0.33 -10.26 0.42
N ASP A 415 1.64 -10.02 0.54
CA ASP A 415 2.28 -8.88 -0.12
C ASP A 415 3.72 -9.24 -0.50
N VAL A 416 4.30 -8.49 -1.43
CA VAL A 416 5.61 -8.81 -1.99
C VAL A 416 6.51 -7.55 -1.99
N ALA A 417 7.41 -7.43 -1.02
CA ALA A 417 8.16 -6.16 -0.84
C ALA A 417 9.26 -6.02 -1.87
N VAL A 418 9.38 -4.83 -2.50
CA VAL A 418 10.46 -4.55 -3.44
C VAL A 418 11.79 -4.32 -2.69
N ASN A 419 11.70 -3.59 -1.57
CA ASN A 419 12.79 -3.45 -0.59
C ASN A 419 12.26 -3.93 0.78
N GLN A 420 13.11 -4.63 1.54
CA GLN A 420 12.72 -5.17 2.84
C GLN A 420 14.04 -5.31 3.63
N PRO A 421 14.15 -4.75 4.83
CA PRO A 421 15.45 -4.69 5.52
C PRO A 421 16.09 -6.06 5.85
N HIS A 422 15.31 -7.12 5.84
CA HIS A 422 15.76 -8.48 6.18
C HIS A 422 16.10 -9.35 4.95
N CYS A 423 16.05 -8.76 3.75
CA CYS A 423 16.25 -9.50 2.50
C CYS A 423 17.18 -8.77 1.54
N ASP A 424 17.80 -9.55 0.61
CA ASP A 424 18.70 -9.01 -0.44
C ASP A 424 19.80 -8.09 0.09
N ALA A 425 20.35 -8.40 1.27
CA ALA A 425 21.44 -7.59 1.85
C ALA A 425 21.14 -6.08 1.90
N TYR A 426 19.89 -5.74 2.27
CA TYR A 426 19.44 -4.32 2.35
C TYR A 426 20.35 -3.55 3.35
N PRO A 427 20.77 -2.31 3.09
CA PRO A 427 20.46 -1.52 1.87
C PRO A 427 21.45 -1.61 0.71
N ALA A 428 22.33 -2.62 0.66
CA ALA A 428 23.40 -2.62 -0.34
C ALA A 428 22.90 -2.55 -1.81
N ASN A 429 21.71 -3.10 -2.05
CA ASN A 429 21.12 -3.19 -3.40
C ASN A 429 19.77 -2.47 -3.50
N LYS A 430 19.62 -1.42 -2.70
CA LYS A 430 18.34 -0.69 -2.56
C LYS A 430 17.88 -0.21 -3.93
N ILE A 431 16.59 -0.37 -4.20
CA ILE A 431 15.94 0.09 -5.44
C ILE A 431 15.12 1.33 -5.10
N ASN A 432 15.60 2.50 -5.55
CA ASN A 432 14.89 3.76 -5.34
C ASN A 432 15.47 4.77 -6.28
N PRO A 433 14.69 5.28 -7.24
CA PRO A 433 13.24 5.04 -7.41
C PRO A 433 12.89 3.68 -7.99
N LEU A 434 11.60 3.33 -7.92
CA LEU A 434 11.10 2.10 -8.51
C LEU A 434 11.37 2.07 -10.01
N THR A 435 11.80 0.90 -10.50
CA THR A 435 12.15 0.75 -11.91
C THR A 435 11.19 -0.21 -12.61
N GLU A 436 11.20 -0.18 -13.94
CA GLU A 436 10.43 -1.18 -14.71
C GLU A 436 10.90 -2.61 -14.39
N ALA A 437 12.23 -2.82 -14.36
CA ALA A 437 12.73 -4.16 -14.01
C ALA A 437 12.15 -4.69 -12.68
N ALA A 438 12.09 -3.84 -11.66
CA ALA A 438 11.53 -4.28 -10.38
C ALA A 438 10.05 -4.64 -10.46
N GLN A 439 9.26 -3.85 -11.21
CA GLN A 439 7.82 -4.18 -11.41
C GLN A 439 7.62 -5.53 -12.10
N LEU A 440 8.48 -5.85 -13.08
CA LEU A 440 8.40 -7.14 -13.80
C LEU A 440 8.89 -8.31 -12.95
N ALA A 441 9.91 -8.07 -12.13
CA ALA A 441 10.29 -9.06 -11.10
C ALA A 441 9.13 -9.34 -10.17
N GLN A 442 8.39 -8.29 -9.78
CA GLN A 442 7.22 -8.48 -8.90
C GLN A 442 6.09 -9.26 -9.60
N LYS A 443 5.86 -8.97 -10.88
CA LYS A 443 4.93 -9.77 -11.68
C LYS A 443 5.26 -11.28 -11.58
N LYS A 444 6.51 -11.66 -11.87
CA LYS A 444 6.91 -13.08 -11.82
C LYS A 444 6.73 -13.68 -10.42
N ARG A 445 7.08 -12.90 -9.40
CA ARG A 445 6.99 -13.38 -8.01
C ARG A 445 5.53 -13.65 -7.56
N TYR A 446 4.61 -12.72 -7.85
CA TYR A 446 3.18 -12.95 -7.54
C TYR A 446 2.69 -14.19 -8.33
N CYS A 447 3.05 -14.28 -9.61
CA CYS A 447 2.71 -15.51 -10.38
C CYS A 447 3.25 -16.78 -9.70
N ASP A 448 4.53 -16.79 -9.34
CA ASP A 448 5.12 -18.01 -8.74
C ASP A 448 4.38 -18.44 -7.45
N VAL A 449 4.04 -17.50 -6.58
CA VAL A 449 3.41 -17.81 -5.27
C VAL A 449 1.98 -18.38 -5.44
N VAL A 450 1.17 -17.71 -6.25
CA VAL A 450 -0.19 -18.17 -6.54
C VAL A 450 -0.17 -19.55 -7.26
N LYS A 451 0.77 -19.76 -8.18
CA LYS A 451 0.91 -21.08 -8.82
C LYS A 451 1.32 -22.21 -7.82
N ALA A 452 2.22 -21.89 -6.91
CA ALA A 452 2.60 -22.83 -5.85
C ALA A 452 1.41 -23.23 -4.98
N TYR A 453 0.57 -22.26 -4.64
CA TYR A 453 -0.66 -22.55 -3.90
C TYR A 453 -1.56 -23.56 -4.68
N LEU A 454 -1.82 -23.28 -5.95
CA LEU A 454 -2.68 -24.12 -6.78
C LEU A 454 -2.09 -25.51 -6.96
N ASP A 455 -0.79 -25.58 -7.14
CA ASP A 455 -0.09 -26.84 -7.40
C ASP A 455 0.00 -27.76 -6.16
N THR A 456 -0.01 -27.14 -4.97
CA THR A 456 0.21 -27.81 -3.70
C THR A 456 -1.09 -28.19 -2.97
N VAL A 457 -2.10 -27.33 -3.08
CA VAL A 457 -3.32 -27.46 -2.26
C VAL A 457 -4.47 -28.00 -3.11
N PRO A 458 -4.98 -29.21 -2.80
CA PRO A 458 -6.11 -29.79 -3.54
C PRO A 458 -7.37 -28.91 -3.48
N VAL A 459 -8.22 -28.99 -4.52
CA VAL A 459 -9.44 -28.17 -4.60
C VAL A 459 -10.26 -28.03 -3.28
N ASN A 460 -10.51 -29.16 -2.62
CA ASN A 460 -11.35 -29.16 -1.41
C ASN A 460 -10.65 -28.64 -0.15
N GLN A 461 -9.34 -28.36 -0.23
CA GLN A 461 -8.61 -27.75 0.89
C GLN A 461 -8.19 -26.28 0.65
N ARG A 462 -8.65 -25.67 -0.45
CA ARG A 462 -8.32 -24.27 -0.73
C ARG A 462 -9.21 -23.26 0.02
N GLY A 463 -8.69 -22.69 1.11
CA GLY A 463 -9.43 -21.71 1.90
C GLY A 463 -9.53 -20.31 1.31
N GLY A 464 -8.72 -20.00 0.28
CA GLY A 464 -8.75 -18.69 -0.39
C GLY A 464 -7.38 -18.05 -0.51
N ILE A 465 -7.28 -16.98 -1.32
CA ILE A 465 -6.10 -16.10 -1.34
C ILE A 465 -6.53 -14.67 -1.18
N SER A 466 -5.97 -13.99 -0.20
CA SER A 466 -6.21 -12.56 0.01
C SER A 466 -4.91 -11.75 0.03
N VAL A 467 -4.96 -10.50 -0.42
CA VAL A 467 -3.79 -9.60 -0.37
C VAL A 467 -3.97 -8.54 0.73
N TRP A 468 -2.87 -8.15 1.37
CA TRP A 468 -2.95 -7.25 2.55
C TRP A 468 -2.95 -5.76 2.16
N GLY A 469 -3.99 -5.35 1.43
CA GLY A 469 -4.14 -3.94 1.02
C GLY A 469 -4.52 -3.80 -0.45
N THR A 470 -4.94 -2.58 -0.84
CA THR A 470 -5.30 -2.22 -2.20
C THR A 470 -4.16 -1.46 -2.93
N THR A 471 -3.98 -0.18 -2.57
CA THR A 471 -2.95 0.69 -3.15
C THR A 471 -1.63 0.74 -2.33
N ASP A 472 -0.52 0.83 -3.06
CA ASP A 472 0.83 1.09 -2.51
C ASP A 472 0.92 2.35 -1.63
N ALA A 473 0.02 3.31 -1.84
CA ALA A 473 0.02 4.55 -1.05
C ALA A 473 -0.33 4.34 0.43
N ASN A 474 -0.89 3.16 0.77
CA ASN A 474 -1.30 2.84 2.14
C ASN A 474 -0.86 1.45 2.63
N THR A 475 0.36 1.03 2.32
CA THR A 475 0.79 -0.30 2.81
C THR A 475 1.36 -0.19 4.23
N TRP A 476 1.03 -1.18 5.06
CA TRP A 476 1.54 -1.25 6.43
C TRP A 476 3.07 -1.39 6.48
N LEU A 477 3.67 -1.92 5.42
CA LEU A 477 5.13 -2.14 5.42
C LEU A 477 5.96 -0.87 5.52
N ASP A 478 5.48 0.22 4.91
CA ASP A 478 6.24 1.48 4.95
C ASP A 478 6.29 2.07 6.37
N GLY A 479 5.23 1.86 7.16
CA GLY A 479 5.23 2.25 8.56
C GLY A 479 6.08 1.32 9.43
N LEU A 480 5.91 0.01 9.23
CA LEU A 480 6.70 -0.96 10.00
C LEU A 480 8.22 -0.71 9.89
N TYR A 481 8.69 -0.41 8.67
CA TYR A 481 10.12 -0.24 8.38
C TYR A 481 10.56 1.22 8.16
N ARG A 482 9.78 2.16 8.69
CA ARG A 482 10.04 3.60 8.56
C ARG A 482 11.48 4.01 8.94
N GLU A 483 12.02 3.44 10.00
CA GLU A 483 13.38 3.79 10.43
C GLU A 483 14.44 3.30 9.42
N GLN A 484 14.32 2.03 9.01
CA GLN A 484 15.26 1.44 8.04
C GLN A 484 15.13 2.09 6.66
N PHE A 485 13.91 2.49 6.32
CA PHE A 485 13.60 3.14 5.04
C PHE A 485 13.88 4.67 5.04
N GLU A 486 14.38 5.20 6.16
CA GLU A 486 14.52 6.66 6.36
C GLU A 486 13.27 7.47 5.98
N ASP A 487 12.11 7.00 6.45
CA ASP A 487 10.79 7.63 6.24
C ASP A 487 10.33 7.68 4.78
N GLU A 488 10.95 6.88 3.91
CA GLU A 488 10.55 6.84 2.49
C GLU A 488 9.64 5.67 2.21
N LYS A 489 8.71 5.84 1.27
CA LYS A 489 7.71 4.81 0.98
C LYS A 489 8.21 3.93 -0.15
N ILE A 490 9.04 2.93 0.20
CA ILE A 490 9.79 2.17 -0.83
C ILE A 490 9.54 0.64 -0.86
N SER A 491 8.49 0.14 -0.21
CA SER A 491 8.15 -1.31 -0.29
C SER A 491 7.31 -1.66 -1.53
N TRP A 492 6.57 -0.67 -2.04
CA TRP A 492 5.68 -0.82 -3.22
C TRP A 492 5.16 -2.28 -3.46
N PRO A 493 4.46 -2.83 -2.48
CA PRO A 493 4.28 -4.30 -2.43
C PRO A 493 2.95 -4.88 -2.94
N LEU A 494 2.07 -4.05 -3.47
CA LEU A 494 0.67 -4.48 -3.73
C LEU A 494 0.29 -4.48 -5.23
N LEU A 495 -0.97 -4.79 -5.56
CA LEU A 495 -1.38 -4.94 -6.96
C LEU A 495 -1.68 -3.63 -7.72
N PHE A 496 -1.96 -2.54 -7.00
CA PHE A 496 -2.32 -1.23 -7.60
C PHE A 496 -1.36 -0.12 -7.11
N ASP A 497 -1.08 0.86 -7.97
CA ASP A 497 -0.10 1.91 -7.67
C ASP A 497 -0.70 3.04 -6.81
N ASN A 498 0.05 4.14 -6.60
CA ASN A 498 -0.43 5.26 -5.77
C ASN A 498 -1.69 5.99 -6.33
N ASN A 499 -1.95 5.85 -7.63
CA ASN A 499 -3.14 6.43 -8.25
C ASN A 499 -4.26 5.39 -8.55
N TYR A 500 -4.13 4.21 -7.93
CA TYR A 500 -5.07 3.10 -8.09
C TYR A 500 -5.07 2.48 -9.49
N ASN A 501 -4.04 2.76 -10.28
CA ASN A 501 -3.92 2.09 -11.58
C ASN A 501 -3.30 0.70 -11.43
N ASP A 502 -3.51 -0.18 -12.40
CA ASP A 502 -2.96 -1.55 -12.36
C ASP A 502 -1.41 -1.51 -12.35
N LYS A 503 -0.80 -2.52 -11.71
CA LYS A 503 0.63 -2.81 -11.85
C LYS A 503 0.82 -4.18 -12.53
N PRO A 504 1.99 -4.44 -13.12
CA PRO A 504 2.29 -5.79 -13.63
C PRO A 504 2.04 -6.90 -12.60
N ALA A 505 2.12 -6.59 -11.30
CA ALA A 505 1.80 -7.57 -10.26
C ALA A 505 0.42 -8.21 -10.49
N LEU A 506 -0.56 -7.41 -10.91
CA LEU A 506 -1.93 -7.89 -11.10
C LEU A 506 -1.99 -8.85 -12.31
N ARG A 507 -1.25 -8.53 -13.37
CA ARG A 507 -1.10 -9.43 -14.52
C ARG A 507 -0.49 -10.79 -14.13
N GLY A 508 0.49 -10.75 -13.22
CA GLY A 508 1.13 -11.97 -12.72
C GLY A 508 0.22 -12.87 -11.89
N PHE A 509 -0.56 -12.29 -10.97
CA PHE A 509 -1.59 -13.02 -10.20
C PHE A 509 -2.57 -13.70 -11.20
N ALA A 510 -3.09 -12.90 -12.16
CA ALA A 510 -4.02 -13.42 -13.18
C ALA A 510 -3.45 -14.55 -14.05
N ASP A 511 -2.20 -14.41 -14.46
CA ASP A 511 -1.52 -15.47 -15.25
C ASP A 511 -1.50 -16.79 -14.50
N ALA A 512 -1.23 -16.74 -13.20
CA ALA A 512 -1.23 -17.97 -12.39
C ALA A 512 -2.62 -18.65 -12.36
N LEU A 513 -3.67 -17.85 -12.13
CA LEU A 513 -5.06 -18.39 -12.08
C LEU A 513 -5.47 -19.03 -13.40
N ILE A 514 -4.99 -18.48 -14.53
CA ILE A 514 -5.33 -19.05 -15.83
C ILE A 514 -4.35 -20.14 -16.35
N GLY A 515 -3.31 -20.47 -15.57
CA GLY A 515 -2.36 -21.51 -15.96
C GLY A 515 -1.32 -21.12 -17.01
N THR A 516 -1.10 -19.83 -17.19
CA THR A 516 -0.10 -19.29 -18.14
C THR A 516 1.28 -19.27 -17.44
N GLN A 517 2.35 -19.60 -18.17
CA GLN A 517 3.73 -19.63 -17.64
C GLN A 517 4.09 -18.36 -16.89
N CYS A 518 4.71 -18.50 -15.70
CA CYS A 518 5.21 -17.37 -14.91
C CYS A 518 6.53 -16.76 -15.45
N THR A 519 6.50 -15.50 -15.89
CA THR A 519 7.70 -14.79 -16.41
C THR A 519 7.82 -13.34 -15.92
N ASN A 520 9.03 -12.78 -16.08
CA ASN A 520 9.27 -11.35 -15.85
C ASN A 520 9.44 -10.56 -17.16
N THR A 521 8.76 -11.03 -18.20
CA THR A 521 8.77 -10.36 -19.48
C THR A 521 7.40 -9.78 -19.78
N HIS A 522 7.31 -8.97 -20.83
CA HIS A 522 6.03 -8.48 -21.33
C HIS A 522 5.37 -9.51 -22.25
#